data_8CDG
#
_entry.id   8CDG
#
_cell.length_a   67.362
_cell.length_b   89.771
_cell.length_c   116.669
_cell.angle_alpha   90.00
_cell.angle_beta   90.00
_cell.angle_gamma   90.00
#
_symmetry.space_group_name_H-M   'C 2 2 21'
#
loop_
_entity.id
_entity.type
_entity.pdbx_description
1 polymer Interleukin-17A
2 non-polymer '(9~{S},12~{R},19~{S})-9-[[4-[[(2~{S})-2-cyclohexyl-2-(2-phenylethanoylamino)ethanoyl]amino]phenyl]methyl]-12-methyl-7,10,13,21-tetrakis(oxidanylidene)-8,11,14,20-tetrazaspiro[4.17]docosane-19-carboxylic acid'
#
_entity_poly.entity_id   1
_entity_poly.type   'polypeptide(L)'
_entity_poly.pdbx_seq_one_letter_code
;MGPNSEDKNFPRTVMVNLNIHNRNTNTNPKRSSDYYDRSTSPWNLHRNEDPERYPSVIWEAKCRHLGCINADGNVDYHMN
SVPIQQEILVLRREPPHSPNSFRLEKILVSVGCTCVTPIVHHVA
;
_entity_poly.pdbx_strand_id   A,B
#
# COMPACT_ATOMS: atom_id res chain seq x y z
N PRO A 11 -28.54 -2.66 -3.51
CA PRO A 11 -27.26 -2.46 -2.84
C PRO A 11 -26.92 -3.62 -1.90
N ARG A 12 -25.71 -3.61 -1.32
CA ARG A 12 -25.21 -4.72 -0.52
C ARG A 12 -24.74 -4.17 0.82
N THR A 13 -25.62 -4.25 1.81
CA THR A 13 -25.38 -3.66 3.12
C THR A 13 -24.98 -4.76 4.08
N VAL A 14 -23.97 -4.46 4.91
CA VAL A 14 -23.49 -5.39 5.91
C VAL A 14 -23.26 -4.60 7.20
N MET A 15 -23.23 -5.32 8.32
CA MET A 15 -22.83 -4.72 9.58
C MET A 15 -21.33 -4.91 9.76
N VAL A 16 -20.67 -3.83 10.13
CA VAL A 16 -19.27 -3.85 10.50
C VAL A 16 -19.14 -3.26 11.90
N ASN A 17 -18.36 -3.93 12.73
CA ASN A 17 -18.00 -3.49 14.07
C ASN A 17 -16.63 -2.79 14.01
N LEU A 18 -16.51 -1.61 14.62
CA LEU A 18 -15.32 -0.79 14.40
C LEU A 18 -14.23 -0.92 15.48
N ASN A 19 -14.53 -1.51 16.63
CA ASN A 19 -13.48 -1.97 17.53
C ASN A 19 -12.49 -2.83 16.74
N ILE A 20 -11.19 -2.68 17.01
CA ILE A 20 -10.17 -3.38 16.23
C ILE A 20 -9.50 -4.50 17.06
N HIS A 21 -9.00 -5.51 16.33
CA HIS A 21 -8.44 -6.83 16.72
C HIS A 21 -7.87 -6.97 18.16
N TYR A 35 15.59 2.52 8.41
CA TYR A 35 14.34 1.86 8.09
C TYR A 35 13.78 2.60 6.86
N TYR A 36 14.22 2.28 5.64
CA TYR A 36 13.85 2.96 4.37
C TYR A 36 14.60 4.26 4.08
N ASP A 37 15.51 4.68 4.96
CA ASP A 37 16.35 5.82 4.61
C ASP A 37 17.49 5.39 3.71
N ARG A 38 17.91 4.15 3.82
CA ARG A 38 18.99 3.71 2.96
C ARG A 38 18.62 3.72 1.48
N SER A 39 17.38 4.06 1.15
CA SER A 39 16.87 3.77 -0.19
C SER A 39 17.50 4.70 -1.22
N THR A 40 17.71 4.18 -2.43
CA THR A 40 18.24 5.04 -3.48
C THR A 40 17.17 6.00 -3.94
N SER A 41 15.90 5.71 -3.61
CA SER A 41 14.74 6.54 -3.93
C SER A 41 13.97 6.79 -2.63
N PRO A 42 14.55 7.53 -1.71
CA PRO A 42 13.90 7.76 -0.42
C PRO A 42 12.69 8.70 -0.55
N TRP A 43 11.96 8.88 0.56
CA TRP A 43 10.69 9.61 0.55
C TRP A 43 10.31 10.14 1.93
N ASN A 44 9.40 11.12 1.93
CA ASN A 44 8.76 11.68 3.14
C ASN A 44 7.24 11.45 3.08
N LEU A 45 6.52 11.87 4.12
CA LEU A 45 5.08 11.67 4.20
C LEU A 45 4.37 13.03 4.26
N HIS A 46 3.26 13.14 3.50
CA HIS A 46 2.39 14.31 3.47
C HIS A 46 0.97 13.94 3.86
N ARG A 47 0.29 14.89 4.48
CA ARG A 47 -0.96 14.72 5.21
C ARG A 47 -2.17 15.21 4.44
N ASN A 48 -3.25 14.43 4.47
CA ASN A 48 -4.51 14.80 3.83
C ASN A 48 -5.63 14.42 4.79
N GLU A 49 -6.45 15.39 5.18
CA GLU A 49 -7.56 15.14 6.08
C GLU A 49 -8.88 15.30 5.36
N ASP A 50 -9.83 14.42 5.66
CA ASP A 50 -11.19 14.50 5.11
C ASP A 50 -12.11 13.93 6.17
N PRO A 51 -12.71 14.77 7.04
CA PRO A 51 -13.61 14.26 8.08
C PRO A 51 -14.86 13.58 7.55
N GLU A 52 -15.01 13.52 6.22
CA GLU A 52 -16.09 12.81 5.53
C GLU A 52 -15.69 11.39 5.10
N ARG A 53 -14.59 10.85 5.63
CA ARG A 53 -14.18 9.47 5.32
C ARG A 53 -13.35 8.90 6.48
N TYR A 54 -13.33 7.57 6.55
CA TYR A 54 -12.49 6.87 7.52
C TYR A 54 -11.53 5.93 6.79
N PRO A 55 -10.23 6.00 7.08
CA PRO A 55 -9.71 6.88 8.15
C PRO A 55 -9.65 8.35 7.75
N SER A 56 -9.85 9.22 8.74
CA SER A 56 -9.92 10.65 8.49
C SER A 56 -8.62 11.15 7.86
N VAL A 57 -7.49 10.86 8.48
CA VAL A 57 -6.21 11.47 8.13
C VAL A 57 -5.31 10.43 7.49
N ILE A 58 -4.89 10.69 6.26
CA ILE A 58 -4.12 9.76 5.44
C ILE A 58 -2.79 10.40 5.05
N TRP A 59 -1.70 9.68 5.26
CA TRP A 59 -0.36 10.13 4.90
C TRP A 59 0.10 9.39 3.65
N GLU A 60 0.58 10.13 2.65
CA GLU A 60 1.11 9.47 1.47
C GLU A 60 2.56 9.88 1.22
N ALA A 61 3.24 9.03 0.46
CA ALA A 61 4.68 9.18 0.22
C ALA A 61 4.99 10.16 -0.90
N LYS A 62 5.82 11.15 -0.64
CA LYS A 62 6.28 12.01 -1.72
C LYS A 62 7.79 11.79 -1.87
N CYS A 63 8.22 11.48 -3.09
CA CYS A 63 9.62 11.13 -3.33
C CYS A 63 10.52 12.28 -2.94
N ARG A 64 11.69 11.95 -2.41
CA ARG A 64 12.46 13.01 -1.80
C ARG A 64 13.28 13.76 -2.88
N HIS A 65 13.55 13.11 -4.02
CA HIS A 65 14.32 13.68 -5.13
C HIS A 65 13.69 13.22 -6.46
N LEU A 66 14.21 13.77 -7.55
CA LEU A 66 13.76 13.41 -8.89
C LEU A 66 14.59 12.28 -9.51
N GLY A 67 15.91 12.34 -9.35
CA GLY A 67 16.76 11.22 -9.69
C GLY A 67 16.91 10.26 -8.53
N CYS A 68 17.72 9.23 -8.72
CA CYS A 68 18.05 8.27 -7.67
C CYS A 68 19.47 8.50 -7.20
N ILE A 69 19.84 7.88 -6.02
CA ILE A 69 21.13 8.11 -5.35
C ILE A 69 22.21 7.18 -5.91
N ASN A 70 23.44 7.70 -6.04
CA ASN A 70 24.65 6.97 -6.42
C ASN A 70 25.29 6.20 -5.27
N ALA A 71 26.12 5.22 -5.65
CA ALA A 71 27.07 4.62 -4.72
C ALA A 71 27.98 5.69 -4.13
N ASP A 72 28.28 6.73 -4.91
CA ASP A 72 29.02 7.90 -4.47
C ASP A 72 28.18 8.84 -3.60
N GLY A 73 26.86 8.67 -3.55
CA GLY A 73 26.04 9.50 -2.71
C GLY A 73 25.53 10.77 -3.35
N ASN A 74 25.45 10.82 -4.67
CA ASN A 74 24.94 11.99 -5.38
C ASN A 74 23.68 11.64 -6.17
N VAL A 75 22.83 12.63 -6.41
CA VAL A 75 21.63 12.38 -7.21
C VAL A 75 22.03 12.29 -8.69
N ASP A 76 21.46 11.31 -9.38
CA ASP A 76 21.76 10.99 -10.78
C ASP A 76 20.45 11.14 -11.55
N TYR A 77 20.34 12.20 -12.36
CA TYR A 77 19.06 12.49 -13.00
C TYR A 77 18.81 11.66 -14.24
N HIS A 78 19.75 10.78 -14.60
CA HIS A 78 19.50 9.78 -15.64
C HIS A 78 18.65 8.61 -15.15
N MET A 79 18.26 8.58 -13.86
CA MET A 79 17.34 7.61 -13.28
C MET A 79 16.20 8.37 -12.61
N ASN A 80 15.06 7.72 -12.39
CA ASN A 80 13.90 8.40 -11.83
C ASN A 80 13.48 7.79 -10.49
N SER A 81 13.33 8.62 -9.45
CA SER A 81 12.44 8.24 -8.35
C SER A 81 10.99 8.36 -8.79
N VAL A 82 10.19 7.30 -8.61
CA VAL A 82 8.75 7.39 -8.91
C VAL A 82 7.96 6.83 -7.74
N PRO A 83 6.78 7.38 -7.46
CA PRO A 83 5.91 6.84 -6.40
C PRO A 83 5.23 5.55 -6.83
N ILE A 84 5.26 4.57 -5.93
CA ILE A 84 4.51 3.31 -6.02
C ILE A 84 3.08 3.59 -5.57
N GLN A 85 2.16 3.69 -6.53
CA GLN A 85 0.75 4.04 -6.30
C GLN A 85 -0.09 2.78 -6.06
N GLN A 86 -0.69 2.65 -4.89
CA GLN A 86 -1.50 1.46 -4.59
C GLN A 86 -3.00 1.78 -4.62
N GLU A 87 -3.79 0.82 -5.09
CA GLU A 87 -5.23 0.96 -4.93
C GLU A 87 -5.65 0.44 -3.56
N ILE A 88 -6.65 1.11 -2.98
CA ILE A 88 -6.91 1.11 -1.55
C ILE A 88 -8.33 1.59 -1.30
N LEU A 89 -8.99 0.93 -0.35
CA LEU A 89 -10.38 1.15 0.01
C LEU A 89 -10.51 2.02 1.24
N VAL A 90 -11.53 2.89 1.25
CA VAL A 90 -11.90 3.69 2.43
C VAL A 90 -13.43 3.73 2.51
N LEU A 91 -13.95 4.27 3.62
CA LEU A 91 -15.39 4.47 3.80
C LEU A 91 -15.74 5.94 3.65
N ARG A 92 -16.64 6.26 2.71
CA ARG A 92 -17.25 7.58 2.64
C ARG A 92 -18.63 7.54 3.26
N ARG A 93 -18.90 8.52 4.14
CA ARG A 93 -20.20 8.63 4.77
C ARG A 93 -21.30 8.75 3.72
N GLU A 94 -22.31 7.87 3.82
CA GLU A 94 -23.46 7.88 2.95
C GLU A 94 -24.71 7.59 3.77
N PRO A 95 -25.61 8.58 3.96
CA PRO A 95 -25.56 9.94 3.36
C PRO A 95 -24.39 10.81 3.89
N PRO A 96 -24.09 11.92 3.22
CA PRO A 96 -23.05 12.81 3.76
C PRO A 96 -23.38 13.19 5.20
N HIS A 97 -22.34 13.20 6.04
CA HIS A 97 -22.44 13.60 7.45
C HIS A 97 -23.18 12.55 8.28
N SER A 98 -22.90 11.27 8.04
CA SER A 98 -23.59 10.26 8.81
C SER A 98 -22.62 9.60 9.78
N PRO A 99 -22.99 9.50 11.07
CA PRO A 99 -22.12 8.78 12.01
C PRO A 99 -22.03 7.29 11.74
N ASN A 100 -23.07 6.66 11.18
CA ASN A 100 -23.14 5.19 11.20
C ASN A 100 -23.41 4.54 9.84
N SER A 101 -23.11 5.18 8.70
CA SER A 101 -23.42 4.52 7.43
C SER A 101 -22.60 5.10 6.28
N PHE A 102 -22.12 4.20 5.41
CA PHE A 102 -20.97 4.40 4.54
C PHE A 102 -21.08 3.56 3.27
N ARG A 103 -20.35 3.98 2.21
CA ARG A 103 -19.81 3.09 1.19
C ARG A 103 -18.30 2.96 1.23
N LEU A 104 -17.83 1.86 0.65
CA LEU A 104 -16.45 1.74 0.23
C LEU A 104 -16.21 2.56 -1.02
N GLU A 105 -15.17 3.39 -1.00
CA GLU A 105 -14.65 4.06 -2.19
C GLU A 105 -13.22 3.59 -2.43
N LYS A 106 -12.83 3.51 -3.71
CA LYS A 106 -11.49 3.09 -4.11
C LYS A 106 -10.66 4.34 -4.46
N ILE A 107 -9.52 4.52 -3.79
CA ILE A 107 -8.64 5.66 -4.07
C ILE A 107 -7.23 5.13 -4.33
N LEU A 108 -6.33 6.02 -4.77
CA LEU A 108 -4.92 5.69 -4.99
C LEU A 108 -4.05 6.41 -3.96
N VAL A 109 -3.01 5.74 -3.46
CA VAL A 109 -2.21 6.24 -2.34
C VAL A 109 -0.74 5.86 -2.53
N SER A 110 0.16 6.83 -2.37
CA SER A 110 1.59 6.54 -2.47
C SER A 110 2.08 5.88 -1.20
N VAL A 111 2.58 4.65 -1.33
CA VAL A 111 3.09 3.90 -0.20
C VAL A 111 4.60 3.98 -0.07
N GLY A 112 5.30 4.38 -1.12
CA GLY A 112 6.75 4.52 -1.11
C GLY A 112 7.21 4.94 -2.50
N CYS A 113 8.53 4.98 -2.68
CA CYS A 113 9.09 5.28 -3.99
C CYS A 113 10.09 4.20 -4.38
N THR A 114 10.15 3.93 -5.68
CA THR A 114 11.17 3.06 -6.25
C THR A 114 11.89 3.76 -7.41
N CYS A 115 13.07 3.23 -7.76
CA CYS A 115 13.91 3.81 -8.79
C CYS A 115 13.75 3.05 -10.10
N VAL A 116 13.39 3.77 -11.18
CA VAL A 116 13.13 3.21 -12.49
C VAL A 116 14.07 3.79 -13.54
N THR A 117 14.27 3.00 -14.60
CA THR A 117 15.05 3.36 -15.76
C THR A 117 14.16 4.13 -16.74
N PRO A 118 14.47 5.41 -17.08
CA PRO A 118 13.57 6.23 -17.90
C PRO A 118 13.32 5.72 -19.32
N ILE A 119 12.56 6.48 -20.09
CA ILE A 119 12.10 5.99 -21.37
C ILE A 119 13.25 6.09 -22.36
N PRO B 11 -17.82 -1.05 22.09
CA PRO B 11 -18.49 -1.80 21.01
C PRO B 11 -19.46 -0.93 20.16
N ARG B 12 -19.24 -0.74 18.84
CA ARG B 12 -20.10 0.17 18.07
C ARG B 12 -20.18 -0.22 16.60
N THR B 13 -21.40 -0.56 16.16
CA THR B 13 -21.68 -1.16 14.86
C THR B 13 -22.22 -0.15 13.86
N VAL B 14 -21.72 -0.22 12.62
CA VAL B 14 -22.13 0.67 11.54
C VAL B 14 -22.63 -0.17 10.34
N MET B 15 -23.14 0.51 9.33
CA MET B 15 -23.59 -0.12 8.10
C MET B 15 -22.70 0.28 6.94
N VAL B 16 -22.48 -0.66 6.02
CA VAL B 16 -21.57 -0.45 4.91
C VAL B 16 -22.19 -1.01 3.64
N ASN B 17 -22.38 -0.17 2.63
CA ASN B 17 -22.66 -0.64 1.29
C ASN B 17 -21.35 -1.02 0.58
N LEU B 18 -21.24 -2.29 0.20
CA LEU B 18 -20.05 -2.87 -0.43
C LEU B 18 -19.96 -2.60 -1.94
N ASN B 19 -20.82 -1.73 -2.49
CA ASN B 19 -20.81 -1.42 -3.93
C ASN B 19 -19.89 -0.24 -4.19
N ILE B 20 -18.68 -0.52 -4.65
CA ILE B 20 -17.75 0.57 -4.94
C ILE B 20 -18.24 1.41 -6.12
N TYR B 36 6.91 1.27 -13.30
CA TYR B 36 6.43 -0.10 -13.39
C TYR B 36 7.49 -1.14 -13.23
N ASP B 37 7.72 -1.78 -14.37
CA ASP B 37 8.56 -2.94 -14.59
C ASP B 37 10.01 -2.58 -14.78
N ARG B 38 10.30 -1.28 -14.82
CA ARG B 38 11.62 -0.76 -15.10
C ARG B 38 12.42 -0.53 -13.81
N SER B 39 11.84 -0.89 -12.66
CA SER B 39 12.43 -0.59 -11.37
C SER B 39 13.73 -1.36 -11.16
N THR B 40 14.72 -0.71 -10.53
CA THR B 40 15.93 -1.41 -10.14
C THR B 40 15.66 -2.50 -9.15
N SER B 41 14.53 -2.43 -8.46
CA SER B 41 14.12 -3.41 -7.47
C SER B 41 12.75 -3.98 -7.86
N PRO B 42 12.67 -4.64 -9.00
CA PRO B 42 11.37 -5.09 -9.52
C PRO B 42 10.74 -6.17 -8.65
N TRP B 43 9.41 -6.22 -8.68
CA TRP B 43 8.66 -7.19 -7.86
C TRP B 43 7.71 -8.01 -8.73
N ASN B 44 7.03 -8.97 -8.06
CA ASN B 44 6.07 -9.94 -8.60
C ASN B 44 4.72 -9.81 -7.89
N LEU B 45 3.78 -10.71 -8.22
CA LEU B 45 2.51 -10.75 -7.51
C LEU B 45 2.33 -12.16 -6.95
N HIS B 46 2.17 -12.24 -5.62
CA HIS B 46 1.77 -13.46 -4.94
C HIS B 46 0.30 -13.34 -4.58
N ARG B 47 -0.47 -14.41 -4.82
CA ARG B 47 -1.85 -14.40 -4.36
C ARG B 47 -2.08 -15.06 -3.00
N ASN B 48 -2.93 -14.37 -2.23
CA ASN B 48 -3.26 -14.69 -0.85
C ASN B 48 -4.79 -14.71 -0.78
N GLU B 49 -5.36 -15.86 -0.39
CA GLU B 49 -6.81 -16.08 -0.46
C GLU B 49 -7.33 -16.67 0.85
N ASP B 50 -8.16 -15.93 1.57
CA ASP B 50 -8.79 -16.40 2.81
C ASP B 50 -10.31 -16.39 2.66
N PRO B 51 -10.99 -17.54 2.73
CA PRO B 51 -12.47 -17.55 2.66
C PRO B 51 -13.15 -16.80 3.81
N GLU B 52 -12.44 -16.53 4.91
CA GLU B 52 -12.99 -15.86 6.08
C GLU B 52 -12.67 -14.36 6.09
N ARG B 53 -12.40 -13.80 4.91
CA ARG B 53 -11.89 -12.44 4.76
C ARG B 53 -12.70 -11.69 3.73
N TYR B 54 -12.83 -10.37 3.91
CA TYR B 54 -13.26 -9.47 2.84
C TYR B 54 -12.26 -8.33 2.75
N PRO B 55 -11.58 -8.12 1.60
CA PRO B 55 -11.73 -9.02 0.46
C PRO B 55 -10.96 -10.31 0.66
N SER B 56 -11.46 -11.37 0.02
CA SER B 56 -10.78 -12.64 0.14
C SER B 56 -9.52 -12.68 -0.70
N VAL B 57 -9.47 -11.92 -1.80
CA VAL B 57 -8.33 -11.94 -2.73
C VAL B 57 -7.46 -10.72 -2.42
N ILE B 58 -6.23 -10.97 -1.96
CA ILE B 58 -5.24 -9.91 -1.78
C ILE B 58 -3.98 -10.28 -2.56
N TRP B 59 -3.54 -9.34 -3.40
CA TRP B 59 -2.32 -9.49 -4.20
C TRP B 59 -1.15 -8.82 -3.48
N GLU B 60 -0.28 -9.62 -2.87
CA GLU B 60 0.90 -9.12 -2.17
C GLU B 60 2.09 -9.01 -3.14
N ALA B 61 3.05 -8.16 -2.79
CA ALA B 61 4.31 -8.06 -3.53
C ALA B 61 5.35 -9.02 -2.96
N LYS B 62 6.20 -9.52 -3.85
CA LYS B 62 7.39 -10.26 -3.46
C LYS B 62 8.50 -9.79 -4.39
N CYS B 63 9.63 -9.39 -3.82
CA CYS B 63 10.74 -8.91 -4.64
C CYS B 63 11.31 -10.04 -5.50
N ARG B 64 11.62 -9.72 -6.76
CA ARG B 64 12.13 -10.78 -7.64
C ARG B 64 13.55 -11.19 -7.28
N HIS B 65 14.31 -10.31 -6.66
CA HIS B 65 15.73 -10.55 -6.46
C HIS B 65 16.10 -10.17 -5.04
N LEU B 66 17.34 -10.50 -4.65
CA LEU B 66 17.94 -10.02 -3.42
C LEU B 66 18.69 -8.70 -3.61
N GLY B 67 19.47 -8.60 -4.69
CA GLY B 67 20.14 -7.37 -5.06
C GLY B 67 19.35 -6.55 -6.07
N CYS B 68 20.01 -5.51 -6.61
CA CYS B 68 19.36 -4.58 -7.52
C CYS B 68 20.03 -4.63 -8.90
N ILE B 69 19.48 -3.88 -9.86
CA ILE B 69 19.81 -4.01 -11.27
C ILE B 69 20.79 -2.92 -11.71
N ASN B 70 21.97 -3.37 -12.16
CA ASN B 70 23.01 -2.53 -12.77
C ASN B 70 22.50 -1.72 -13.94
N ALA B 71 23.24 -0.66 -14.25
CA ALA B 71 23.04 -0.02 -15.54
C ALA B 71 23.18 -1.04 -16.68
N ASP B 72 24.03 -2.06 -16.49
CA ASP B 72 24.22 -3.15 -17.46
C ASP B 72 23.03 -4.10 -17.55
N GLY B 73 22.03 -3.96 -16.70
CA GLY B 73 20.91 -4.87 -16.77
C GLY B 73 21.16 -6.21 -16.12
N ASN B 74 22.17 -6.32 -15.26
CA ASN B 74 22.40 -7.53 -14.49
C ASN B 74 22.18 -7.25 -13.00
N VAL B 75 22.27 -8.31 -12.20
CA VAL B 75 21.96 -8.24 -10.77
C VAL B 75 23.29 -8.20 -10.01
N ASP B 76 23.48 -7.16 -9.20
CA ASP B 76 24.62 -7.17 -8.29
C ASP B 76 24.13 -7.02 -6.86
N TYR B 77 24.86 -7.67 -5.96
CA TYR B 77 24.49 -7.76 -4.57
C TYR B 77 25.15 -6.67 -3.73
N HIS B 78 25.69 -5.62 -4.36
CA HIS B 78 26.19 -4.48 -3.62
C HIS B 78 25.04 -3.63 -3.04
N MET B 79 23.84 -3.73 -3.61
CA MET B 79 22.62 -3.10 -3.10
C MET B 79 21.62 -4.21 -2.80
N ASN B 80 20.54 -3.88 -2.07
CA ASN B 80 19.56 -4.89 -1.69
C ASN B 80 18.16 -4.49 -2.12
N SER B 81 17.38 -5.47 -2.56
CA SER B 81 15.94 -5.27 -2.78
C SER B 81 15.19 -5.58 -1.49
N VAL B 82 14.38 -4.63 -1.03
CA VAL B 82 13.62 -4.88 0.19
C VAL B 82 12.15 -4.56 -0.04
N PRO B 83 11.25 -5.34 0.56
CA PRO B 83 9.81 -5.07 0.43
C PRO B 83 9.41 -3.87 1.26
N ILE B 84 8.37 -3.19 0.78
CA ILE B 84 7.70 -2.13 1.51
C ILE B 84 6.47 -2.74 2.18
N GLN B 85 6.57 -2.94 3.50
CA GLN B 85 5.50 -3.51 4.33
C GLN B 85 4.51 -2.42 4.77
N GLN B 86 3.23 -2.76 4.84
CA GLN B 86 2.28 -1.77 5.33
C GLN B 86 1.13 -2.44 6.09
N GLU B 87 0.63 -1.75 7.12
CA GLU B 87 -0.53 -2.22 7.87
C GLU B 87 -1.83 -1.81 7.21
N ILE B 88 -2.75 -2.75 7.06
CA ILE B 88 -4.05 -2.45 6.49
C ILE B 88 -5.13 -3.05 7.37
N LEU B 89 -6.34 -2.53 7.19
CA LEU B 89 -7.55 -3.05 7.82
C LEU B 89 -8.31 -3.93 6.84
N VAL B 90 -9.01 -4.91 7.39
CA VAL B 90 -9.60 -6.01 6.62
C VAL B 90 -10.84 -6.46 7.39
N LEU B 91 -11.82 -7.02 6.66
CA LEU B 91 -13.05 -7.50 7.31
C LEU B 91 -12.95 -8.98 7.63
N ARG B 92 -13.09 -9.32 8.92
CA ARG B 92 -13.09 -10.68 9.43
C ARG B 92 -14.51 -11.04 9.83
N ARG B 93 -15.04 -12.13 9.27
CA ARG B 93 -16.43 -12.49 9.53
C ARG B 93 -16.64 -12.79 11.01
N GLU B 94 -17.68 -12.13 11.61
CA GLU B 94 -18.17 -12.47 12.94
C GLU B 94 -19.70 -12.48 13.00
N PRO B 95 -20.32 -13.60 13.43
CA PRO B 95 -19.56 -14.85 13.70
C PRO B 95 -18.94 -15.44 12.41
N PRO B 96 -18.06 -16.44 12.54
CA PRO B 96 -17.45 -17.04 11.34
C PRO B 96 -18.48 -17.47 10.30
N HIS B 97 -18.03 -17.66 9.05
CA HIS B 97 -18.88 -18.15 7.97
C HIS B 97 -20.08 -17.23 7.69
N SER B 98 -20.04 -15.91 8.19
CA SER B 98 -21.23 -15.03 8.18
C SER B 98 -21.29 -14.24 6.88
N PRO B 99 -22.43 -14.28 6.17
CA PRO B 99 -22.51 -13.48 4.93
C PRO B 99 -22.52 -11.97 5.17
N ASN B 100 -23.12 -11.47 6.27
CA ASN B 100 -23.37 -10.04 6.33
C ASN B 100 -22.94 -9.40 7.66
N SER B 101 -21.77 -9.75 8.17
CA SER B 101 -21.37 -9.18 9.45
C SER B 101 -19.90 -9.46 9.71
N PHE B 102 -19.16 -8.39 9.98
CA PHE B 102 -17.70 -8.46 10.09
C PHE B 102 -17.23 -7.63 11.28
N ARG B 103 -15.94 -7.76 11.59
CA ARG B 103 -15.21 -6.78 12.37
C ARG B 103 -13.88 -6.48 11.70
N LEU B 104 -13.36 -5.28 11.99
CA LEU B 104 -12.07 -4.89 11.43
C LEU B 104 -10.95 -5.72 12.04
N GLU B 105 -9.93 -5.98 11.24
CA GLU B 105 -8.76 -6.72 11.66
C GLU B 105 -7.57 -6.13 10.92
N LYS B 106 -6.41 -6.24 11.52
CA LYS B 106 -5.24 -5.49 11.06
C LYS B 106 -4.18 -6.50 10.65
N ILE B 107 -3.66 -6.36 9.43
CA ILE B 107 -2.63 -7.26 8.94
C ILE B 107 -1.50 -6.49 8.25
N LEU B 108 -0.33 -7.11 8.19
CA LEU B 108 0.74 -6.64 7.32
C LEU B 108 0.63 -7.24 5.93
N VAL B 109 1.01 -6.42 4.95
CA VAL B 109 0.93 -6.81 3.53
C VAL B 109 2.12 -6.17 2.83
N SER B 110 2.67 -6.89 1.84
CA SER B 110 3.80 -6.39 1.06
C SER B 110 3.25 -5.70 -0.19
N VAL B 111 3.63 -4.44 -0.39
CA VAL B 111 2.84 -3.60 -1.27
C VAL B 111 3.76 -2.92 -2.28
N GLY B 112 4.92 -3.51 -2.54
CA GLY B 112 5.93 -2.92 -3.39
C GLY B 112 7.36 -3.16 -2.93
N CYS B 113 8.35 -2.80 -3.75
CA CYS B 113 9.74 -3.15 -3.49
C CYS B 113 10.67 -1.98 -3.86
N THR B 114 11.61 -1.63 -2.97
CA THR B 114 12.55 -0.55 -3.24
C THR B 114 13.99 -1.01 -3.02
N CYS B 115 14.93 -0.25 -3.59
CA CYS B 115 16.35 -0.63 -3.57
C CYS B 115 17.09 0.22 -2.54
N VAL B 116 17.84 -0.46 -1.68
CA VAL B 116 18.24 0.11 -0.41
C VAL B 116 19.73 -0.21 -0.26
N THR B 117 20.42 0.62 0.51
CA THR B 117 21.86 0.43 0.59
C THR B 117 22.21 -0.28 1.90
N PRO B 118 23.16 -1.24 1.92
CA PRO B 118 23.55 -1.78 3.22
C PRO B 118 24.84 -1.13 3.73
#